data_2YOX
#
_entry.id   2YOX
#
_cell.length_a   34.765
_cell.length_b   73.549
_cell.length_c   75.846
_cell.angle_alpha   90.00
_cell.angle_beta   100.33
_cell.angle_gamma   90.00
#
_symmetry.space_group_name_H-M   'P 1 21 1'
#
loop_
_entity.id
_entity.type
_entity.pdbx_description
1 polymer RBAM17540
2 non-polymer 'COPPER (I) ION'
3 water water
#
_entity_poly.entity_id   1
_entity_poly.type   'polypeptide(L)'
_entity_poly.pdbx_seq_one_letter_code
;HGYIKEPVSRAYMGALEKQTMGWTAAAQKYGSVIDNPQSVEGPKGFPAAGPPDGRIASANGGSGQIDFGLDKQTADHWVK
QNIRGGFNTFTWHYTAPHATSKWHYYITKKNWNPNKPLSRDEFELIGTVNHDGSKADTNLTHKIFVPTDRSGYHIILGVW
DVADTSNAFYNVIDVNLT
;
_entity_poly.pdbx_strand_id   A,B
#
loop_
_chem_comp.id
_chem_comp.type
_chem_comp.name
_chem_comp.formula
CU1 non-polymer 'COPPER (I) ION' 'Cu 1'
#
# COMPACT_ATOMS: atom_id res chain seq x y z
N HIS A 1 0.11 -14.60 -25.21
CA HIS A 1 0.73 -15.71 -24.44
C HIS A 1 1.93 -15.15 -23.67
N GLY A 2 2.00 -15.47 -22.40
CA GLY A 2 3.00 -14.89 -21.54
C GLY A 2 2.82 -15.28 -20.10
N TYR A 3 3.85 -15.02 -19.31
CA TYR A 3 3.79 -15.35 -17.90
C TYR A 3 4.56 -14.37 -17.02
N ILE A 4 4.32 -14.40 -15.69
CA ILE A 4 5.05 -13.51 -14.80
C ILE A 4 6.39 -14.22 -14.46
N LYS A 5 7.48 -13.54 -14.80
CA LYS A 5 8.81 -14.10 -14.70
C LYS A 5 9.50 -13.66 -13.40
N GLU A 6 9.27 -12.42 -12.96
CA GLU A 6 9.71 -11.96 -11.62
C GLU A 6 8.61 -11.13 -10.91
N PRO A 7 8.15 -11.57 -9.72
CA PRO A 7 8.49 -12.84 -9.07
C PRO A 7 8.13 -14.06 -9.95
N VAL A 8 8.68 -15.21 -9.66
CA VAL A 8 8.41 -16.42 -10.43
C VAL A 8 6.99 -16.98 -10.19
N SER A 9 6.14 -16.83 -11.21
CA SER A 9 4.81 -17.42 -11.22
C SER A 9 4.87 -18.93 -11.06
N ARG A 10 3.84 -19.51 -10.49
CA ARG A 10 3.84 -20.94 -10.29
C ARG A 10 3.99 -21.65 -11.61
N ALA A 11 3.36 -21.11 -12.65
CA ALA A 11 3.46 -21.73 -13.93
C ALA A 11 4.92 -21.74 -14.38
N TYR A 12 5.60 -20.61 -14.19
CA TYR A 12 6.96 -20.48 -14.67
C TYR A 12 7.89 -21.35 -13.79
N MET A 13 7.57 -21.40 -12.49
CA MET A 13 8.22 -22.35 -11.58
C MET A 13 8.15 -23.81 -12.09
N GLY A 14 7.01 -24.19 -12.70
CA GLY A 14 6.88 -25.49 -13.33
C GLY A 14 7.90 -25.76 -14.44
N ALA A 15 7.96 -24.81 -15.38
CA ALA A 15 8.96 -24.87 -16.46
C ALA A 15 10.35 -24.94 -15.88
N LEU A 16 10.60 -24.18 -14.83
CA LEU A 16 11.93 -24.23 -14.20
C LEU A 16 12.21 -25.59 -13.57
N GLU A 17 11.21 -26.20 -12.91
CA GLU A 17 11.45 -27.42 -12.17
C GLU A 17 11.59 -28.64 -13.11
N LYS A 18 11.02 -28.53 -14.29
CA LYS A 18 11.28 -29.48 -15.42
C LYS A 18 12.79 -29.69 -15.65
N GLN A 19 13.57 -28.64 -15.49
CA GLN A 19 15.01 -28.68 -15.84
C GLN A 19 15.77 -29.36 -14.73
N THR A 20 15.28 -29.24 -13.50
CA THR A 20 15.98 -29.71 -12.31
C THR A 20 15.46 -31.06 -11.84
N MET A 21 14.15 -31.29 -11.99
CA MET A 21 13.49 -32.53 -11.57
C MET A 21 13.23 -33.52 -12.72
N GLY A 22 13.34 -33.07 -13.98
CA GLY A 22 12.98 -33.87 -15.15
C GLY A 22 11.50 -33.77 -15.52
N TRP A 23 11.17 -34.19 -16.74
CA TRP A 23 9.81 -34.03 -17.27
C TRP A 23 8.76 -34.74 -16.43
N THR A 24 8.99 -36.01 -16.10
CA THR A 24 7.94 -36.82 -15.42
C THR A 24 7.76 -36.30 -13.99
N ALA A 25 8.85 -36.03 -13.28
CA ALA A 25 8.68 -35.63 -11.88
C ALA A 25 8.09 -34.23 -11.80
N ALA A 26 8.46 -33.36 -12.71
CA ALA A 26 7.84 -32.03 -12.74
C ALA A 26 6.37 -32.07 -13.16
N ALA A 27 6.03 -32.88 -14.15
CA ALA A 27 4.63 -32.99 -14.58
C ALA A 27 3.78 -33.63 -13.47
N GLN A 28 4.39 -34.53 -12.70
CA GLN A 28 3.65 -35.06 -11.56
C GLN A 28 3.23 -33.95 -10.60
N LYS A 29 4.07 -32.94 -10.50
CA LYS A 29 3.88 -31.88 -9.50
C LYS A 29 3.00 -30.72 -10.00
N TYR A 30 3.14 -30.37 -11.28
CA TYR A 30 2.50 -29.18 -11.88
C TYR A 30 1.44 -29.51 -12.94
N GLY A 31 1.53 -30.70 -13.54
CA GLY A 31 0.78 -31.02 -14.79
C GLY A 31 1.48 -30.51 -16.08
N SER A 32 0.77 -30.57 -17.20
CA SER A 32 1.32 -30.28 -18.51
C SER A 32 1.74 -28.81 -18.77
N VAL A 33 1.42 -27.91 -17.86
CA VAL A 33 1.89 -26.52 -17.95
C VAL A 33 3.42 -26.40 -17.98
N ILE A 34 4.14 -27.41 -17.51
CA ILE A 34 5.61 -27.34 -17.49
C ILE A 34 6.23 -27.05 -18.89
N ASP A 35 5.52 -27.44 -19.95
CA ASP A 35 5.97 -27.25 -21.32
C ASP A 35 5.55 -25.94 -21.95
N ASN A 36 4.47 -25.36 -21.40
CA ASN A 36 3.89 -24.10 -21.88
C ASN A 36 3.43 -23.14 -20.79
N PRO A 37 4.38 -22.60 -20.00
CA PRO A 37 3.97 -21.72 -18.90
C PRO A 37 3.30 -20.41 -19.35
N GLN A 38 3.48 -20.07 -20.62
CA GLN A 38 2.80 -18.94 -21.28
C GLN A 38 1.30 -19.11 -21.60
N SER A 39 0.74 -20.29 -21.36
CA SER A 39 -0.62 -20.65 -21.85
C SER A 39 -1.69 -20.78 -20.79
N VAL A 40 -1.56 -20.08 -19.66
CA VAL A 40 -2.58 -20.14 -18.62
C VAL A 40 -3.69 -19.10 -18.93
N GLU A 41 -4.41 -19.39 -20.01
CA GLU A 41 -5.39 -18.53 -20.67
C GLU A 41 -6.84 -19.00 -20.47
N GLY A 42 -7.69 -18.09 -20.01
CA GLY A 42 -9.12 -18.36 -19.82
C GLY A 42 -9.95 -17.11 -20.05
N PRO A 43 -11.25 -17.18 -19.75
CA PRO A 43 -12.06 -16.03 -20.16
C PRO A 43 -11.72 -14.80 -19.33
N LYS A 44 -11.80 -13.60 -19.92
CA LYS A 44 -11.57 -12.37 -19.13
C LYS A 44 -12.83 -11.96 -18.36
N GLY A 45 -12.78 -10.86 -17.64
CA GLY A 45 -13.91 -10.38 -16.83
C GLY A 45 -13.84 -10.69 -15.34
N PHE A 46 -12.65 -11.11 -14.89
CA PHE A 46 -12.44 -11.46 -13.48
C PHE A 46 -12.45 -10.22 -12.61
N PRO A 47 -13.08 -10.28 -11.41
CA PRO A 47 -13.68 -11.40 -10.69
C PRO A 47 -15.18 -11.71 -10.89
N ALA A 48 -15.93 -10.81 -11.53
CA ALA A 48 -17.36 -11.03 -11.77
C ALA A 48 -17.58 -12.20 -12.72
N ALA A 49 -16.73 -12.29 -13.75
CA ALA A 49 -16.76 -13.41 -14.68
C ALA A 49 -15.38 -14.09 -14.63
N GLY A 50 -15.08 -14.88 -15.67
CA GLY A 50 -13.78 -15.52 -15.80
C GLY A 50 -13.82 -16.96 -15.35
N PRO A 51 -12.64 -17.54 -15.12
CA PRO A 51 -12.63 -18.94 -14.72
C PRO A 51 -13.31 -19.18 -13.34
N PRO A 52 -14.06 -20.27 -13.21
CA PRO A 52 -14.79 -20.56 -11.97
C PRO A 52 -13.88 -20.88 -10.78
N ASP A 53 -14.45 -20.77 -9.58
CA ASP A 53 -13.72 -21.13 -8.35
C ASP A 53 -13.21 -22.56 -8.45
N GLY A 54 -12.02 -22.83 -7.92
CA GLY A 54 -11.39 -24.11 -8.09
C GLY A 54 -10.61 -24.26 -9.40
N ARG A 55 -10.77 -23.30 -10.32
CA ARG A 55 -10.15 -23.36 -11.65
C ARG A 55 -9.38 -22.09 -11.97
N ILE A 56 -9.15 -21.25 -10.96
CA ILE A 56 -8.48 -19.96 -11.21
C ILE A 56 -6.98 -20.15 -11.56
N ALA A 57 -6.27 -20.95 -10.77
CA ALA A 57 -4.82 -21.21 -11.04
C ALA A 57 -4.50 -21.80 -12.43
N SER A 58 -5.37 -22.69 -12.92
CA SER A 58 -5.19 -23.30 -14.25
C SER A 58 -5.88 -22.53 -15.37
N ALA A 59 -6.55 -21.43 -15.03
CA ALA A 59 -7.49 -20.73 -15.94
C ALA A 59 -8.46 -21.70 -16.63
N ASN A 60 -8.95 -22.68 -15.90
CA ASN A 60 -9.84 -23.73 -16.44
C ASN A 60 -9.21 -24.54 -17.59
N GLY A 61 -8.00 -25.02 -17.33
CA GLY A 61 -7.26 -25.88 -18.23
C GLY A 61 -6.61 -25.11 -19.36
N GLY A 62 -6.37 -23.82 -19.13
CA GLY A 62 -5.88 -22.94 -20.17
C GLY A 62 -6.65 -23.05 -21.49
N SER A 63 -7.96 -23.18 -21.40
CA SER A 63 -8.83 -23.24 -22.58
C SER A 63 -8.40 -24.39 -23.49
N GLY A 64 -8.10 -25.54 -22.88
CA GLY A 64 -7.59 -26.70 -23.62
C GLY A 64 -6.08 -26.81 -23.82
N GLN A 65 -5.31 -25.80 -23.45
CA GLN A 65 -3.86 -25.85 -23.71
C GLN A 65 -3.04 -26.61 -22.67
N ILE A 66 -3.58 -26.73 -21.46
CA ILE A 66 -2.90 -27.36 -20.31
C ILE A 66 -3.97 -28.20 -19.60
N ASP A 67 -3.59 -28.89 -18.53
CA ASP A 67 -4.53 -29.72 -17.74
C ASP A 67 -4.89 -28.96 -16.45
N PHE A 68 -5.43 -29.65 -15.45
CA PHE A 68 -5.84 -28.98 -14.23
C PHE A 68 -4.81 -29.04 -13.11
N GLY A 69 -3.57 -29.43 -13.42
CA GLY A 69 -2.47 -29.53 -12.43
C GLY A 69 -2.28 -28.40 -11.40
N LEU A 70 -2.42 -27.15 -11.83
CA LEU A 70 -2.17 -25.97 -11.02
C LEU A 70 -3.28 -25.74 -9.99
N ASP A 71 -4.43 -26.38 -10.17
CA ASP A 71 -5.57 -26.17 -9.28
C ASP A 71 -5.46 -26.91 -7.95
N LYS A 72 -4.50 -27.83 -7.81
CA LYS A 72 -4.23 -28.46 -6.51
C LYS A 72 -3.85 -27.33 -5.54
N GLN A 73 -4.31 -27.43 -4.30
CA GLN A 73 -4.02 -26.42 -3.32
C GLN A 73 -3.90 -27.00 -1.90
N THR A 74 -2.67 -27.01 -1.40
CA THR A 74 -2.38 -27.37 -0.02
C THR A 74 -1.33 -26.42 0.53
N ALA A 75 -1.22 -26.38 1.86
CA ALA A 75 -0.16 -25.59 2.51
C ALA A 75 1.27 -25.93 2.07
N ASP A 76 1.54 -27.18 1.69
CA ASP A 76 2.90 -27.67 1.37
C ASP A 76 3.22 -27.89 -0.11
N HIS A 77 2.21 -27.92 -1.00
CA HIS A 77 2.45 -28.37 -2.39
C HIS A 77 3.44 -27.50 -3.21
N TRP A 78 3.30 -26.17 -3.16
CA TRP A 78 3.98 -25.29 -4.14
C TRP A 78 5.24 -24.60 -3.55
N VAL A 79 6.22 -24.29 -4.39
CA VAL A 79 7.46 -23.59 -3.95
C VAL A 79 7.10 -22.11 -3.67
N LYS A 80 7.36 -21.68 -2.44
CA LYS A 80 7.19 -20.27 -2.03
C LYS A 80 8.49 -19.50 -2.32
N GLN A 81 8.34 -18.23 -2.63
CA GLN A 81 9.52 -17.37 -2.68
C GLN A 81 9.27 -16.20 -1.78
N ASN A 82 10.33 -15.76 -1.15
CA ASN A 82 10.20 -14.66 -0.19
C ASN A 82 9.88 -13.36 -0.85
N ILE A 83 8.95 -12.63 -0.27
CA ILE A 83 8.62 -11.31 -0.76
C ILE A 83 8.42 -10.41 0.46
N ARG A 84 8.86 -9.16 0.37
CA ARG A 84 8.63 -8.17 1.42
C ARG A 84 7.40 -7.28 1.11
N GLY A 85 6.61 -6.97 2.13
CA GLY A 85 5.48 -6.10 1.97
C GLY A 85 5.88 -4.77 1.38
N GLY A 86 4.94 -4.06 0.78
CA GLY A 86 5.23 -2.74 0.21
C GLY A 86 5.36 -2.77 -1.29
N PHE A 87 6.00 -1.75 -1.86
CA PHE A 87 6.21 -1.73 -3.31
C PHE A 87 7.09 -2.89 -3.82
N ASN A 88 6.62 -3.52 -4.87
CA ASN A 88 7.34 -4.63 -5.52
C ASN A 88 7.09 -4.53 -6.98
N THR A 89 8.04 -5.02 -7.78
CA THR A 89 7.84 -5.02 -9.22
C THR A 89 7.42 -6.39 -9.73
N PHE A 90 6.54 -6.38 -10.73
CA PHE A 90 6.03 -7.59 -11.42
C PHE A 90 6.33 -7.46 -12.90
N THR A 91 7.14 -8.38 -13.42
CA THR A 91 7.65 -8.35 -14.79
C THR A 91 7.13 -9.55 -15.55
N TRP A 92 6.38 -9.30 -16.62
CA TRP A 92 5.87 -10.39 -17.48
C TRP A 92 6.87 -10.66 -18.60
N HIS A 93 6.96 -11.92 -19.02
CA HIS A 93 7.65 -12.31 -20.27
C HIS A 93 6.56 -12.77 -21.24
N TYR A 94 6.58 -12.23 -22.45
CA TYR A 94 5.59 -12.59 -23.48
C TYR A 94 6.22 -13.40 -24.61
N THR A 95 5.61 -14.54 -24.97
CA THR A 95 5.95 -15.19 -26.23
C THR A 95 5.14 -14.59 -27.38
N ALA A 96 3.97 -14.04 -27.09
CA ALA A 96 3.19 -13.27 -28.09
C ALA A 96 2.51 -12.09 -27.37
N PRO A 97 3.11 -10.90 -27.43
CA PRO A 97 2.65 -9.72 -26.68
C PRO A 97 1.45 -9.01 -27.31
N HIS A 98 0.25 -9.51 -27.02
CA HIS A 98 -0.98 -9.03 -27.68
C HIS A 98 -1.38 -7.62 -27.24
N ALA A 99 -2.31 -7.04 -28.00
CA ALA A 99 -2.93 -5.77 -27.66
C ALA A 99 -3.60 -5.94 -26.29
N THR A 100 -3.38 -4.97 -25.38
CA THR A 100 -3.73 -5.13 -23.97
C THR A 100 -4.64 -4.00 -23.46
N SER A 101 -5.68 -4.37 -22.70
CA SER A 101 -6.54 -3.36 -22.11
C SER A 101 -6.13 -3.06 -20.66
N LYS A 102 -5.86 -4.08 -19.86
CA LYS A 102 -5.33 -3.80 -18.51
C LYS A 102 -4.69 -5.01 -17.90
N TRP A 103 -3.88 -4.76 -16.86
CA TRP A 103 -3.49 -5.79 -15.93
C TRP A 103 -4.04 -5.46 -14.53
N HIS A 104 -4.30 -6.51 -13.77
CA HIS A 104 -4.89 -6.36 -12.42
C HIS A 104 -4.40 -7.43 -11.48
N TYR A 105 -4.07 -7.00 -10.26
CA TYR A 105 -3.33 -7.83 -9.31
C TYR A 105 -4.12 -7.92 -8.03
N TYR A 106 -4.15 -9.13 -7.47
CA TYR A 106 -4.92 -9.50 -6.26
C TYR A 106 -3.98 -10.23 -5.28
N ILE A 107 -4.25 -10.10 -3.99
CA ILE A 107 -3.64 -10.97 -3.01
C ILE A 107 -4.71 -11.68 -2.15
N THR A 108 -4.33 -12.81 -1.60
CA THR A 108 -5.18 -13.53 -0.68
C THR A 108 -5.40 -12.71 0.56
N LYS A 109 -6.58 -12.89 1.15
CA LYS A 109 -6.99 -12.22 2.38
C LYS A 109 -6.29 -12.82 3.60
N LYS A 110 -6.21 -12.04 4.67
CA LYS A 110 -5.46 -12.41 5.88
C LYS A 110 -5.88 -13.79 6.41
N ASN A 111 -7.15 -14.13 6.21
CA ASN A 111 -7.71 -15.35 6.79
C ASN A 111 -7.91 -16.47 5.77
N TRP A 112 -7.24 -16.41 4.63
CA TRP A 112 -7.50 -17.42 3.58
C TRP A 112 -7.07 -18.81 4.01
N ASN A 113 -7.58 -19.83 3.32
CA ASN A 113 -7.33 -21.23 3.68
C ASN A 113 -6.46 -21.93 2.63
N PRO A 114 -5.19 -22.17 2.96
CA PRO A 114 -4.26 -22.68 1.95
C PRO A 114 -4.48 -24.15 1.59
N ASN A 115 -5.44 -24.80 2.25
CA ASN A 115 -5.75 -26.21 2.00
C ASN A 115 -7.10 -26.41 1.33
N LYS A 116 -7.65 -25.36 0.75
CA LYS A 116 -8.89 -25.46 0.00
C LYS A 116 -8.65 -24.89 -1.39
N PRO A 117 -9.49 -25.31 -2.34
CA PRO A 117 -9.34 -24.77 -3.70
C PRO A 117 -9.51 -23.25 -3.72
N LEU A 118 -8.77 -22.56 -4.61
CA LEU A 118 -8.84 -21.13 -4.67
C LEU A 118 -10.22 -20.68 -5.11
N SER A 119 -10.78 -19.72 -4.36
CA SER A 119 -12.06 -19.10 -4.70
C SER A 119 -11.85 -17.58 -4.81
N ARG A 120 -12.64 -16.90 -5.63
CA ARG A 120 -12.44 -15.49 -5.88
C ARG A 120 -12.67 -14.63 -4.62
N ASP A 121 -13.48 -15.11 -3.67
CA ASP A 121 -13.76 -14.41 -2.39
C ASP A 121 -12.64 -14.54 -1.33
N GLU A 122 -11.60 -15.31 -1.68
CA GLU A 122 -10.36 -15.27 -0.91
C GLU A 122 -9.38 -14.20 -1.36
N PHE A 123 -9.68 -13.50 -2.46
CA PHE A 123 -8.77 -12.51 -3.03
C PHE A 123 -9.24 -11.09 -2.91
N GLU A 124 -8.29 -10.18 -2.74
CA GLU A 124 -8.55 -8.76 -2.64
C GLU A 124 -7.72 -8.02 -3.70
N LEU A 125 -8.34 -7.11 -4.44
CA LEU A 125 -7.65 -6.29 -5.42
C LEU A 125 -6.60 -5.39 -4.73
N ILE A 126 -5.37 -5.37 -5.24
CA ILE A 126 -4.31 -4.49 -4.69
C ILE A 126 -3.79 -3.46 -5.69
N GLY A 127 -4.01 -3.67 -6.99
CA GLY A 127 -3.75 -2.65 -7.97
C GLY A 127 -4.19 -2.95 -9.41
N THR A 128 -4.46 -1.89 -10.16
CA THR A 128 -4.83 -2.00 -11.56
C THR A 128 -3.86 -1.14 -12.40
N VAL A 129 -3.39 -1.68 -13.52
CA VAL A 129 -2.58 -0.96 -14.51
C VAL A 129 -3.39 -0.87 -15.81
N ASN A 130 -3.96 0.30 -16.10
CA ASN A 130 -4.66 0.51 -17.36
C ASN A 130 -3.71 0.68 -18.51
N HIS A 131 -4.09 0.20 -19.69
CA HIS A 131 -3.23 0.26 -20.88
C HIS A 131 -4.06 0.84 -22.03
N ASP A 132 -3.38 1.39 -23.02
CA ASP A 132 -4.04 2.10 -24.13
C ASP A 132 -4.47 1.21 -25.31
N GLY A 133 -4.09 -0.07 -25.29
CA GLY A 133 -4.45 -0.99 -26.38
C GLY A 133 -3.26 -1.31 -27.25
N SER A 134 -2.15 -0.62 -27.01
CA SER A 134 -0.88 -1.03 -27.58
C SER A 134 -0.53 -2.42 -27.03
N LYS A 135 0.55 -2.97 -27.60
CA LYS A 135 1.02 -4.31 -27.32
C LYS A 135 1.45 -4.40 -25.85
N ALA A 136 1.37 -5.60 -25.26
CA ALA A 136 1.71 -5.79 -23.85
C ALA A 136 3.14 -5.38 -23.52
N ASP A 137 4.05 -5.54 -24.48
CA ASP A 137 5.47 -5.27 -24.25
C ASP A 137 5.87 -3.79 -24.20
N THR A 138 4.94 -2.88 -24.46
CA THR A 138 5.22 -1.45 -24.18
C THR A 138 5.18 -1.12 -22.67
N ASN A 139 4.77 -2.06 -21.83
CA ASN A 139 4.82 -1.87 -20.38
C ASN A 139 4.98 -3.23 -19.70
N LEU A 140 6.24 -3.68 -19.68
CA LEU A 140 6.62 -5.02 -19.23
C LEU A 140 6.57 -5.24 -17.73
N THR A 141 6.86 -4.19 -16.95
CA THR A 141 7.02 -4.34 -15.48
C THR A 141 6.08 -3.38 -14.77
N HIS A 142 5.33 -3.87 -13.80
CA HIS A 142 4.37 -3.08 -13.05
C HIS A 142 4.79 -2.90 -11.61
N LYS A 143 4.61 -1.68 -11.07
CA LYS A 143 4.89 -1.39 -9.63
C LYS A 143 3.58 -1.46 -8.86
N ILE A 144 3.46 -2.49 -8.04
CA ILE A 144 2.25 -2.82 -7.27
C ILE A 144 2.58 -2.81 -5.76
N PHE A 145 1.70 -2.19 -4.97
CA PHE A 145 1.83 -2.19 -3.55
C PHE A 145 1.19 -3.44 -2.87
N VAL A 146 2.01 -4.25 -2.25
CA VAL A 146 1.61 -5.49 -1.69
C VAL A 146 1.29 -5.14 -0.24
N PRO A 147 0.06 -5.43 0.26
CA PRO A 147 -0.34 -4.99 1.59
C PRO A 147 0.72 -5.29 2.67
N THR A 148 0.92 -4.39 3.62
CA THR A 148 1.89 -4.61 4.70
C THR A 148 1.26 -5.17 6.01
N ASP A 149 0.01 -5.62 5.95
CA ASP A 149 -0.73 -6.03 7.13
C ASP A 149 -0.83 -7.56 7.29
N ARG A 150 0.09 -8.27 6.65
CA ARG A 150 -0.14 -9.62 6.20
C ARG A 150 1.19 -10.34 6.17
N SER A 151 1.24 -11.61 6.63
CA SER A 151 2.46 -12.39 6.52
C SER A 151 2.23 -13.91 6.43
N GLY A 152 3.31 -14.64 6.20
CA GLY A 152 3.24 -16.09 5.99
C GLY A 152 2.87 -16.38 4.54
N TYR A 153 2.29 -17.55 4.30
CA TYR A 153 1.97 -18.02 2.95
C TYR A 153 0.76 -17.33 2.39
N HIS A 154 0.97 -16.64 1.28
CA HIS A 154 -0.06 -15.93 0.54
C HIS A 154 0.10 -16.21 -0.92
N ILE A 155 -0.92 -15.91 -1.70
CA ILE A 155 -0.82 -16.00 -3.16
C ILE A 155 -1.15 -14.65 -3.80
N ILE A 156 -0.25 -14.18 -4.64
CA ILE A 156 -0.55 -13.03 -5.46
C ILE A 156 -1.06 -13.59 -6.77
N LEU A 157 -2.21 -13.10 -7.23
CA LEU A 157 -2.76 -13.38 -8.55
C LEU A 157 -2.56 -12.21 -9.47
N GLY A 158 -1.79 -12.39 -10.53
CA GLY A 158 -1.75 -11.40 -11.61
C GLY A 158 -2.61 -11.78 -12.82
N VAL A 159 -3.37 -10.81 -13.33
CA VAL A 159 -4.23 -11.02 -14.50
C VAL A 159 -3.95 -10.02 -15.64
N TRP A 160 -3.80 -10.57 -16.83
CA TRP A 160 -3.52 -9.82 -18.06
C TRP A 160 -4.71 -9.95 -19.01
N ASP A 161 -5.45 -8.86 -19.18
CA ASP A 161 -6.61 -8.83 -20.08
C ASP A 161 -6.20 -8.44 -21.50
N VAL A 162 -6.57 -9.28 -22.47
CA VAL A 162 -6.24 -9.03 -23.87
C VAL A 162 -7.32 -8.13 -24.47
N ALA A 163 -6.88 -7.08 -25.15
CA ALA A 163 -7.76 -6.00 -25.65
C ALA A 163 -8.73 -6.50 -26.70
N ASP A 164 -8.27 -7.39 -27.58
CA ASP A 164 -9.04 -7.74 -28.77
C ASP A 164 -9.58 -9.15 -28.83
N THR A 165 -9.64 -9.84 -27.69
CA THR A 165 -10.28 -11.15 -27.58
C THR A 165 -11.13 -11.17 -26.32
N SER A 166 -11.82 -12.27 -26.08
CA SER A 166 -12.58 -12.47 -24.86
C SER A 166 -11.76 -13.20 -23.77
N ASN A 167 -10.44 -13.24 -23.93
CA ASN A 167 -9.56 -13.96 -23.00
C ASN A 167 -8.63 -13.09 -22.16
N ALA A 168 -8.07 -13.74 -21.15
CA ALA A 168 -7.09 -13.16 -20.21
C ALA A 168 -6.16 -14.28 -19.79
N PHE A 169 -5.00 -13.92 -19.22
CA PHE A 169 -4.01 -14.86 -18.70
C PHE A 169 -3.93 -14.66 -17.18
N TYR A 170 -4.03 -15.78 -16.45
CA TYR A 170 -4.11 -15.85 -14.99
C TYR A 170 -2.86 -16.48 -14.41
N ASN A 171 -2.12 -15.73 -13.59
CA ASN A 171 -0.86 -16.25 -13.08
C ASN A 171 -0.81 -16.12 -11.56
N VAL A 172 -0.93 -17.25 -10.89
CA VAL A 172 -0.79 -17.26 -9.46
C VAL A 172 0.67 -17.36 -9.11
N ILE A 173 1.02 -16.68 -8.01
CA ILE A 173 2.38 -16.62 -7.46
C ILE A 173 2.30 -16.98 -5.97
N ASP A 174 3.10 -17.96 -5.58
CA ASP A 174 3.16 -18.43 -4.20
C ASP A 174 4.23 -17.69 -3.47
N VAL A 175 3.86 -16.98 -2.41
CA VAL A 175 4.81 -16.11 -1.72
C VAL A 175 4.87 -16.37 -0.22
N ASN A 176 6.06 -16.18 0.33
CA ASN A 176 6.20 -16.07 1.77
C ASN A 176 6.46 -14.61 2.04
N LEU A 177 5.45 -13.97 2.62
CA LEU A 177 5.42 -12.53 2.87
C LEU A 177 6.03 -12.25 4.23
N THR A 178 7.05 -11.41 4.24
CA THR A 178 7.65 -10.87 5.44
C THR A 178 7.33 -9.38 5.54
N HIS B 1 1.79 5.21 19.81
CA HIS B 1 1.33 5.18 18.40
C HIS B 1 -0.08 5.74 18.34
N GLY B 2 -0.29 6.64 17.38
CA GLY B 2 -1.53 7.32 17.29
C GLY B 2 -1.49 8.39 16.25
N TYR B 3 -2.68 8.87 15.89
CA TYR B 3 -2.75 9.94 14.90
C TYR B 3 -3.87 10.91 15.18
N ILE B 4 -3.83 12.08 14.52
CA ILE B 4 -4.94 13.02 14.66
C ILE B 4 -6.07 12.57 13.69
N LYS B 5 -7.24 12.34 14.28
CA LYS B 5 -8.38 11.77 13.58
C LYS B 5 -9.39 12.86 13.20
N GLU B 6 -9.60 13.84 14.07
CA GLU B 6 -10.34 15.06 13.71
C GLU B 6 -9.63 16.33 14.20
N PRO B 7 -9.28 17.28 13.28
CA PRO B 7 -9.38 17.15 11.81
C PRO B 7 -8.57 15.96 11.29
N VAL B 8 -8.84 15.54 10.06
CA VAL B 8 -8.12 14.42 9.47
C VAL B 8 -6.67 14.78 9.08
N SER B 9 -5.72 14.20 9.84
CA SER B 9 -4.30 14.28 9.55
C SER B 9 -3.97 13.71 8.18
N ARG B 10 -2.90 14.20 7.56
CA ARG B 10 -2.58 13.72 6.22
C ARG B 10 -2.31 12.23 6.30
N ALA B 11 -1.71 11.78 7.40
CA ALA B 11 -1.44 10.39 7.52
C ALA B 11 -2.73 9.59 7.51
N TYR B 12 -3.73 10.07 8.25
CA TYR B 12 -4.95 9.37 8.41
C TYR B 12 -5.78 9.44 7.08
N MET B 13 -5.68 10.59 6.41
CA MET B 13 -6.15 10.75 5.04
C MET B 13 -5.60 9.66 4.10
N GLY B 14 -4.33 9.29 4.27
CA GLY B 14 -3.74 8.19 3.51
C GLY B 14 -4.47 6.86 3.68
N ALA B 15 -4.64 6.47 4.94
CA ALA B 15 -5.40 5.27 5.31
C ALA B 15 -6.80 5.34 4.76
N LEU B 16 -7.44 6.51 4.82
CA LEU B 16 -8.75 6.67 4.21
C LEU B 16 -8.75 6.52 2.68
N GLU B 17 -7.74 7.08 1.98
CA GLU B 17 -7.75 7.05 0.52
C GLU B 17 -7.40 5.65 -0.05
N LYS B 18 -6.68 4.85 0.73
CA LYS B 18 -6.49 3.42 0.47
C LYS B 18 -7.83 2.72 0.17
N GLN B 19 -8.90 3.14 0.84
CA GLN B 19 -10.19 2.46 0.75
C GLN B 19 -10.89 2.86 -0.52
N THR B 20 -10.66 4.09 -0.96
CA THR B 20 -11.36 4.66 -2.10
C THR B 20 -10.56 4.52 -3.42
N MET B 21 -9.24 4.63 -3.31
CA MET B 21 -8.33 4.57 -4.46
C MET B 21 -7.64 3.20 -4.62
N GLY B 22 -7.69 2.34 -3.61
CA GLY B 22 -6.93 1.08 -3.60
C GLY B 22 -5.49 1.22 -3.11
N TRP B 23 -4.88 0.08 -2.78
CA TRP B 23 -3.59 0.09 -2.13
C TRP B 23 -2.51 0.76 -3.01
N THR B 24 -2.44 0.37 -4.28
CA THR B 24 -1.33 0.84 -5.14
C THR B 24 -1.49 2.31 -5.45
N ALA B 25 -2.70 2.74 -5.80
CA ALA B 25 -2.85 4.17 -6.15
C ALA B 25 -2.67 5.04 -4.90
N ALA B 26 -3.12 4.59 -3.75
CA ALA B 26 -2.94 5.39 -2.52
C ALA B 26 -1.47 5.44 -2.10
N ALA B 27 -0.75 4.33 -2.21
CA ALA B 27 0.66 4.28 -1.86
C ALA B 27 1.46 5.12 -2.84
N GLN B 28 0.99 5.19 -4.08
CA GLN B 28 1.65 6.09 -5.02
C GLN B 28 1.57 7.55 -4.55
N LYS B 29 0.49 7.89 -3.87
CA LYS B 29 0.22 9.26 -3.46
C LYS B 29 0.82 9.62 -2.09
N TYR B 30 0.77 8.68 -1.15
CA TYR B 30 1.17 8.89 0.27
C TYR B 30 2.44 8.15 0.72
N GLY B 31 2.80 7.08 0.00
CA GLY B 31 3.78 6.10 0.49
C GLY B 31 3.21 5.09 1.49
N SER B 32 4.09 4.31 2.13
CA SER B 32 3.70 3.16 2.94
C SER B 32 2.92 3.49 4.25
N VAL B 33 2.80 4.78 4.58
CA VAL B 33 2.04 5.22 5.75
C VAL B 33 0.55 4.86 5.65
N ILE B 34 0.06 4.60 4.44
CA ILE B 34 -1.34 4.22 4.26
C ILE B 34 -1.80 3.01 5.13
N ASP B 35 -0.86 2.12 5.46
CA ASP B 35 -1.14 0.94 6.26
C ASP B 35 -0.99 1.14 7.73
N ASN B 36 -0.20 2.15 8.11
CA ASN B 36 0.10 2.47 9.51
C ASN B 36 0.09 3.98 9.82
N PRO B 37 -1.09 4.61 9.76
CA PRO B 37 -1.10 6.08 9.99
C PRO B 37 -0.69 6.49 11.42
N GLN B 38 -0.72 5.54 12.34
CA GLN B 38 -0.30 5.70 13.72
C GLN B 38 1.22 5.75 13.98
N SER B 39 2.04 5.57 12.92
CA SER B 39 3.50 5.37 13.08
C SER B 39 4.38 6.48 12.54
N VAL B 40 3.89 7.71 12.53
CA VAL B 40 4.71 8.85 12.11
C VAL B 40 5.54 9.35 13.33
N GLU B 41 6.49 8.51 13.72
CA GLU B 41 7.30 8.64 14.92
C GLU B 41 8.78 8.97 14.65
N GLY B 42 9.27 10.01 15.30
CA GLY B 42 10.66 10.44 15.19
C GLY B 42 11.15 11.04 16.47
N PRO B 43 12.37 11.59 16.45
CA PRO B 43 12.90 12.06 17.72
C PRO B 43 12.12 13.25 18.30
N LYS B 44 12.00 13.35 19.62
CA LYS B 44 11.31 14.52 20.21
C LYS B 44 12.25 15.70 20.38
N GLY B 45 11.78 16.79 20.99
CA GLY B 45 12.57 18.01 21.18
C GLY B 45 12.32 19.11 20.15
N PHE B 46 11.24 18.97 19.37
CA PHE B 46 10.90 19.93 18.32
C PHE B 46 10.44 21.24 18.93
N PRO B 47 10.82 22.39 18.34
CA PRO B 47 11.61 22.62 17.11
C PRO B 47 13.14 22.72 17.23
N ALA B 48 13.70 22.82 18.44
CA ALA B 48 15.15 22.91 18.60
C ALA B 48 15.84 21.64 18.14
N ALA B 49 15.24 20.50 18.45
CA ALA B 49 15.70 19.21 17.94
C ALA B 49 14.59 18.53 17.13
N GLY B 50 14.69 17.22 16.91
CA GLY B 50 13.66 16.45 16.21
C GLY B 50 14.01 16.14 14.77
N PRO B 51 13.00 15.75 13.96
CA PRO B 51 13.30 15.42 12.58
C PRO B 51 13.76 16.67 11.78
N PRO B 52 14.71 16.48 10.88
CA PRO B 52 15.26 17.62 10.14
C PRO B 52 14.28 18.27 9.16
N ASP B 53 14.54 19.51 8.79
CA ASP B 53 13.76 20.18 7.72
C ASP B 53 13.70 19.27 6.49
N GLY B 54 12.54 19.22 5.81
CA GLY B 54 12.37 18.35 4.68
C GLY B 54 11.95 16.94 5.06
N ARG B 55 12.01 16.63 6.35
CA ARG B 55 11.63 15.33 6.89
C ARG B 55 10.59 15.43 8.03
N ILE B 56 9.98 16.60 8.20
CA ILE B 56 9.04 16.80 9.30
C ILE B 56 7.75 15.99 9.08
N ALA B 57 7.14 16.10 7.90
CA ALA B 57 5.88 15.34 7.63
C ALA B 57 5.99 13.80 7.83
N SER B 58 7.12 13.21 7.47
CA SER B 58 7.34 11.76 7.59
C SER B 58 7.95 11.36 8.92
N ALA B 59 8.23 12.35 9.76
CA ALA B 59 9.09 12.17 10.95
C ALA B 59 10.38 11.40 10.63
N ASN B 60 10.97 11.67 9.47
CA ASN B 60 12.17 11.00 9.01
C ASN B 60 12.01 9.49 8.86
N GLY B 61 10.95 9.16 8.14
CA GLY B 61 10.63 7.80 7.76
C GLY B 61 10.02 7.02 8.90
N GLY B 62 9.42 7.73 9.85
CA GLY B 62 8.85 7.13 11.06
C GLY B 62 9.80 6.18 11.76
N SER B 63 11.07 6.55 11.81
CA SER B 63 12.09 5.78 12.49
C SER B 63 12.14 4.37 11.92
N GLY B 64 12.10 4.27 10.60
CA GLY B 64 12.03 2.96 9.92
C GLY B 64 10.66 2.34 9.67
N GLN B 65 9.59 2.89 10.24
CA GLN B 65 8.26 2.28 10.09
C GLN B 65 7.51 2.58 8.81
N ILE B 66 7.87 3.69 8.15
CA ILE B 66 7.22 4.16 6.93
C ILE B 66 8.35 4.67 6.01
N ASP B 67 7.99 5.16 4.83
CA ASP B 67 8.98 5.72 3.86
C ASP B 67 8.88 7.26 3.90
N PHE B 68 9.40 7.95 2.88
CA PHE B 68 9.41 9.38 2.86
C PHE B 68 8.27 10.01 2.09
N GLY B 69 7.25 9.23 1.73
CA GLY B 69 6.06 9.70 0.98
C GLY B 69 5.37 11.01 1.40
N LEU B 70 5.30 11.27 2.70
CA LEU B 70 4.61 12.46 3.25
C LEU B 70 5.43 13.74 3.10
N ASP B 71 6.72 13.60 2.80
CA ASP B 71 7.60 14.75 2.67
C ASP B 71 7.47 15.50 1.34
N LYS B 72 6.76 14.93 0.35
CA LYS B 72 6.45 15.66 -0.88
C LYS B 72 5.64 16.88 -0.50
N GLN B 73 5.87 17.99 -1.18
CA GLN B 73 5.17 19.20 -0.88
C GLN B 73 4.99 20.08 -2.11
N THR B 74 3.74 20.16 -2.56
CA THR B 74 3.32 21.08 -3.64
C THR B 74 1.96 21.68 -3.28
N ALA B 75 1.60 22.75 -3.97
CA ALA B 75 0.27 23.35 -3.79
C ALA B 75 -0.91 22.43 -4.02
N ASP B 76 -0.76 21.44 -4.92
CA ASP B 76 -1.84 20.57 -5.36
C ASP B 76 -1.82 19.14 -4.81
N HIS B 77 -0.70 18.67 -4.25
CA HIS B 77 -0.55 17.22 -3.91
C HIS B 77 -1.60 16.68 -2.90
N TRP B 78 -1.85 17.40 -1.79
CA TRP B 78 -2.58 16.82 -0.64
C TRP B 78 -4.06 17.28 -0.55
N VAL B 79 -4.94 16.42 -0.02
CA VAL B 79 -6.36 16.78 0.19
C VAL B 79 -6.51 17.78 1.33
N LYS B 80 -7.10 18.93 1.03
CA LYS B 80 -7.37 19.99 2.04
C LYS B 80 -8.77 19.75 2.66
N GLN B 81 -8.91 20.15 3.90
CA GLN B 81 -10.23 20.17 4.50
C GLN B 81 -10.49 21.53 5.07
N ASN B 82 -11.73 21.96 5.01
CA ASN B 82 -12.07 23.32 5.41
C ASN B 82 -11.95 23.44 6.91
N ILE B 83 -11.33 24.51 7.35
CA ILE B 83 -11.30 24.79 8.78
C ILE B 83 -11.57 26.29 8.94
N ARG B 84 -12.33 26.66 9.98
CA ARG B 84 -12.56 28.09 10.30
C ARG B 84 -11.58 28.60 11.36
N GLY B 85 -11.10 29.82 11.19
CA GLY B 85 -10.20 30.42 12.16
C GLY B 85 -10.81 30.44 13.53
N GLY B 86 -9.99 30.54 14.56
CA GLY B 86 -10.53 30.59 15.94
C GLY B 86 -10.39 29.25 16.65
N PHE B 87 -11.17 29.06 17.72
CA PHE B 87 -11.08 27.79 18.47
C PHE B 87 -11.54 26.57 17.65
N ASN B 88 -10.75 25.51 17.72
CA ASN B 88 -11.01 24.26 17.01
C ASN B 88 -10.53 23.18 17.88
N THR B 89 -11.12 22.01 17.75
CA THR B 89 -10.69 20.86 18.56
C THR B 89 -9.87 19.87 17.74
N PHE B 90 -8.89 19.25 18.41
CA PHE B 90 -7.98 18.26 17.79
C PHE B 90 -8.03 17.00 18.64
N THR B 91 -8.53 15.92 18.03
CA THR B 91 -8.77 14.64 18.68
C THR B 91 -7.82 13.61 18.11
N TRP B 92 -6.99 13.06 18.99
CA TRP B 92 -6.08 11.98 18.61
C TRP B 92 -6.76 10.62 18.86
N HIS B 93 -6.50 9.67 17.97
CA HIS B 93 -6.85 8.26 18.16
C HIS B 93 -5.53 7.51 18.43
N TYR B 94 -5.47 6.76 19.52
CA TYR B 94 -4.26 6.02 19.91
C TYR B 94 -4.45 4.54 19.69
N THR B 95 -3.49 3.90 19.04
CA THR B 95 -3.41 2.44 19.09
C THR B 95 -2.61 1.99 20.33
N ALA B 96 -1.70 2.84 20.82
CA ALA B 96 -0.97 2.59 22.08
C ALA B 96 -0.73 3.94 22.77
N PRO B 97 -1.59 4.29 23.76
CA PRO B 97 -1.55 5.61 24.44
C PRO B 97 -0.47 5.74 25.51
N HIS B 98 0.74 6.07 25.09
CA HIS B 98 1.90 6.11 25.98
C HIS B 98 1.89 7.26 26.99
N ALA B 99 2.75 7.14 28.00
CA ALA B 99 2.95 8.21 28.99
C ALA B 99 3.41 9.46 28.25
N THR B 100 2.81 10.61 28.56
CA THR B 100 2.91 11.81 27.72
C THR B 100 3.41 13.01 28.52
N SER B 101 4.36 13.76 27.96
CA SER B 101 4.81 14.99 28.60
C SER B 101 4.08 16.22 28.04
N LYS B 102 3.91 16.32 26.74
CA LYS B 102 3.09 17.42 26.20
C LYS B 102 2.67 17.15 24.76
N TRP B 103 1.66 17.90 24.33
CA TRP B 103 1.40 18.12 22.92
C TRP B 103 1.57 19.60 22.54
N HIS B 104 1.96 19.83 21.30
CA HIS B 104 2.23 21.20 20.83
C HIS B 104 1.87 21.35 19.34
N TYR B 105 1.22 22.48 19.03
CA TYR B 105 0.60 22.69 17.74
C TYR B 105 1.17 23.94 17.08
N TYR B 106 1.46 23.84 15.78
CA TYR B 106 2.08 24.90 14.95
C TYR B 106 1.21 25.13 13.71
N ILE B 107 1.20 26.34 13.18
CA ILE B 107 0.64 26.58 11.85
C ILE B 107 1.71 27.27 10.97
N THR B 108 1.54 27.11 9.68
CA THR B 108 2.36 27.77 8.71
C THR B 108 2.10 29.28 8.79
N LYS B 109 3.15 30.04 8.52
CA LYS B 109 3.13 31.48 8.50
C LYS B 109 2.40 32.00 7.26
N LYS B 110 1.93 33.24 7.35
CA LYS B 110 1.13 33.88 6.29
C LYS B 110 1.83 33.79 4.93
N ASN B 111 3.15 33.85 4.93
CA ASN B 111 3.91 33.91 3.68
C ASN B 111 4.56 32.59 3.29
N TRP B 112 4.12 31.47 3.85
CA TRP B 112 4.80 30.19 3.59
C TRP B 112 4.70 29.80 2.11
N ASN B 113 5.58 28.89 1.68
CA ASN B 113 5.63 28.45 0.29
C ASN B 113 5.23 26.98 0.14
N PRO B 114 4.03 26.74 -0.42
CA PRO B 114 3.47 25.40 -0.45
C PRO B 114 4.16 24.48 -1.46
N ASN B 115 5.11 25.01 -2.21
CA ASN B 115 5.83 24.24 -3.20
C ASN B 115 7.28 23.99 -2.81
N LYS B 116 7.63 24.18 -1.53
CA LYS B 116 8.98 23.89 -1.04
C LYS B 116 8.84 22.88 0.12
N PRO B 117 9.92 22.12 0.38
CA PRO B 117 9.88 21.17 1.50
C PRO B 117 9.65 21.89 2.82
N LEU B 118 8.92 21.27 3.75
CA LEU B 118 8.57 21.92 4.99
C LEU B 118 9.82 22.16 5.83
N SER B 119 9.94 23.37 6.36
CA SER B 119 11.05 23.75 7.21
C SER B 119 10.53 24.47 8.47
N ARG B 120 11.29 24.41 9.56
CA ARG B 120 10.87 25.05 10.81
C ARG B 120 10.59 26.54 10.73
N ASP B 121 11.36 27.24 9.90
CA ASP B 121 11.19 28.70 9.77
C ASP B 121 9.87 29.05 9.09
N GLU B 122 9.14 28.06 8.58
CA GLU B 122 7.78 28.30 8.07
C GLU B 122 6.65 28.15 9.09
N PHE B 123 6.94 27.64 10.28
CA PHE B 123 5.88 27.37 11.27
C PHE B 123 5.93 28.30 12.46
N GLU B 124 4.77 28.59 13.03
CA GLU B 124 4.73 29.28 14.31
C GLU B 124 3.88 28.52 15.32
N LEU B 125 4.33 28.51 16.57
CA LEU B 125 3.63 27.89 17.67
C LEU B 125 2.29 28.60 17.92
N ILE B 126 1.20 27.83 18.02
CA ILE B 126 -0.13 28.38 18.32
C ILE B 126 -0.73 27.85 19.63
N GLY B 127 -0.19 26.74 20.15
CA GLY B 127 -0.58 26.30 21.47
C GLY B 127 0.17 25.10 22.02
N THR B 128 0.21 25.02 23.34
CA THR B 128 0.90 23.91 24.03
C THR B 128 -0.09 23.35 25.04
N VAL B 129 -0.18 22.04 25.10
CA VAL B 129 -0.93 21.34 26.12
C VAL B 129 0.08 20.56 26.96
N ASN B 130 0.42 21.07 28.15
CA ASN B 130 1.24 20.29 29.09
C ASN B 130 0.48 19.14 29.70
N HIS B 131 1.17 18.02 29.99
CA HIS B 131 0.56 16.83 30.57
C HIS B 131 1.42 16.36 31.78
N ASP B 132 0.82 15.58 32.67
CA ASP B 132 1.49 15.19 33.93
C ASP B 132 2.33 13.90 33.83
N GLY B 133 2.27 13.21 32.69
CA GLY B 133 3.01 11.96 32.54
C GLY B 133 2.10 10.76 32.56
N SER B 134 0.84 10.98 32.90
CA SER B 134 -0.17 9.96 32.69
C SER B 134 -0.25 9.65 31.20
N LYS B 135 -1.03 8.61 30.90
CA LYS B 135 -1.21 8.10 29.56
C LYS B 135 -1.85 9.17 28.67
N ALA B 136 -1.57 9.11 27.37
CA ALA B 136 -2.11 10.09 26.42
C ALA B 136 -3.66 10.16 26.42
N ASP B 137 -4.30 9.03 26.67
CA ASP B 137 -5.77 8.93 26.60
C ASP B 137 -6.55 9.55 27.76
N THR B 138 -5.83 10.06 28.79
CA THR B 138 -6.48 10.92 29.80
C THR B 138 -6.79 12.34 29.28
N ASN B 139 -6.30 12.70 28.09
CA ASN B 139 -6.66 13.98 27.46
C ASN B 139 -6.61 13.83 25.95
N LEU B 140 -7.70 13.29 25.40
CA LEU B 140 -7.81 12.90 24.00
C LEU B 140 -7.93 14.06 23.02
N THR B 141 -8.63 15.12 23.44
CA THR B 141 -9.05 16.19 22.51
C THR B 141 -8.53 17.51 23.07
N HIS B 142 -7.85 18.30 22.24
CA HIS B 142 -7.30 19.55 22.65
C HIS B 142 -8.00 20.72 21.98
N LYS B 143 -8.22 21.79 22.73
CA LYS B 143 -8.79 23.05 22.20
C LYS B 143 -7.68 24.01 21.93
N ILE B 144 -7.47 24.28 20.65
CA ILE B 144 -6.38 25.09 20.16
C ILE B 144 -6.95 26.27 19.34
N PHE B 145 -6.44 27.47 19.61
CA PHE B 145 -6.80 28.63 18.82
C PHE B 145 -5.97 28.76 17.51
N VAL B 146 -6.66 28.69 16.39
CA VAL B 146 -6.01 28.71 15.09
C VAL B 146 -6.07 30.18 14.69
N PRO B 147 -4.93 30.81 14.40
CA PRO B 147 -4.91 32.26 14.10
C PRO B 147 -6.04 32.72 13.13
N THR B 148 -6.62 33.89 13.34
CA THR B 148 -7.69 34.39 12.46
C THR B 148 -7.17 35.38 11.38
N ASP B 149 -5.85 35.50 11.23
CA ASP B 149 -5.22 36.53 10.35
C ASP B 149 -4.71 35.97 9.01
N ARG B 150 -5.29 34.85 8.64
CA ARG B 150 -4.66 33.92 7.74
C ARG B 150 -5.73 33.19 6.95
N SER B 151 -5.55 32.98 5.64
CA SER B 151 -6.50 32.16 4.88
C SER B 151 -5.84 31.41 3.70
N GLY B 152 -6.61 30.55 3.05
CA GLY B 152 -6.16 29.73 1.95
C GLY B 152 -5.48 28.49 2.50
N TYR B 153 -4.55 27.92 1.73
CA TYR B 153 -3.89 26.68 2.06
C TYR B 153 -2.82 26.89 3.12
N HIS B 154 -3.03 26.25 4.25
CA HIS B 154 -2.09 26.23 5.38
C HIS B 154 -1.92 24.84 5.86
N ILE B 155 -0.87 24.59 6.64
CA ILE B 155 -0.66 23.30 7.30
C ILE B 155 -0.62 23.51 8.83
N ILE B 156 -1.45 22.76 9.54
CA ILE B 156 -1.33 22.68 10.99
C ILE B 156 -0.47 21.45 11.27
N LEU B 157 0.59 21.64 12.06
CA LEU B 157 1.40 20.52 12.61
C LEU B 157 1.03 20.26 14.05
N GLY B 158 0.54 19.05 14.36
CA GLY B 158 0.42 18.59 15.74
C GLY B 158 1.51 17.63 16.18
N VAL B 159 2.09 17.89 17.35
CA VAL B 159 3.16 17.04 17.90
C VAL B 159 2.83 16.51 19.28
N TRP B 160 3.07 15.20 19.44
CA TRP B 160 2.81 14.47 20.66
C TRP B 160 4.14 13.95 21.20
N ASP B 161 4.60 14.51 22.32
CA ASP B 161 5.86 14.08 22.95
C ASP B 161 5.62 12.98 23.97
N VAL B 162 6.33 11.86 23.82
CA VAL B 162 6.21 10.72 24.71
C VAL B 162 7.13 10.93 25.91
N ALA B 163 6.56 10.79 27.10
CA ALA B 163 7.25 11.09 28.39
C ALA B 163 8.47 10.18 28.64
N ASP B 164 8.36 8.90 28.25
CA ASP B 164 9.32 7.89 28.72
C ASP B 164 10.18 7.27 27.65
N THR B 165 10.23 7.92 26.49
CA THR B 165 11.16 7.58 25.41
C THR B 165 11.79 8.85 24.86
N SER B 166 12.68 8.71 23.89
CA SER B 166 13.26 9.89 23.20
C SER B 166 12.46 10.28 21.91
N ASN B 167 11.24 9.79 21.77
CA ASN B 167 10.44 9.99 20.56
C ASN B 167 9.19 10.88 20.73
N ALA B 168 8.64 11.25 19.58
CA ALA B 168 7.43 12.04 19.44
C ALA B 168 6.79 11.63 18.14
N PHE B 169 5.48 11.92 18.01
CA PHE B 169 4.71 11.66 16.81
C PHE B 169 4.32 13.00 16.17
N TYR B 170 4.58 13.11 14.86
CA TYR B 170 4.43 14.34 14.07
C TYR B 170 3.29 14.18 13.05
N ASN B 171 2.23 15.00 13.17
CA ASN B 171 1.06 14.83 12.29
C ASN B 171 0.73 16.15 11.62
N VAL B 172 1.07 16.25 10.34
CA VAL B 172 0.71 17.42 9.58
C VAL B 172 -0.73 17.25 9.10
N ILE B 173 -1.42 18.40 9.04
CA ILE B 173 -2.82 18.50 8.63
C ILE B 173 -2.95 19.60 7.56
N ASP B 174 -3.53 19.25 6.42
CA ASP B 174 -3.66 20.16 5.28
C ASP B 174 -5.00 20.82 5.37
N VAL B 175 -5.01 22.14 5.48
CA VAL B 175 -6.25 22.85 5.72
C VAL B 175 -6.51 23.95 4.69
N ASN B 176 -7.80 24.17 4.42
CA ASN B 176 -8.23 25.38 3.76
C ASN B 176 -8.90 26.23 4.82
N LEU B 177 -8.22 27.32 5.19
CA LEU B 177 -8.63 28.21 6.27
C LEU B 177 -9.51 29.28 5.73
N THR B 178 -10.68 29.39 6.35
CA THR B 178 -11.62 30.50 6.09
C THR B 178 -11.73 31.35 7.36
CU CU1 C . -1.32 -15.35 -26.86
CU CU1 D . 3.67 3.86 20.26
#